data_3IDP
#
_entry.id   3IDP
#
_cell.length_a   93.457
_cell.length_b   93.457
_cell.length_c   166.679
_cell.angle_alpha   90.00
_cell.angle_beta   90.00
_cell.angle_gamma   90.00
#
_symmetry.space_group_name_H-M   'P 41 21 2'
#
loop_
_entity.id
_entity.type
_entity.pdbx_description
1 polymer 'B-Raf proto-oncogene serine/threonine-protein kinase'
2 non-polymer N~1~-(4-chlorophenyl)-6-methyl-N~5~-[3-(7H-purin-6-yl)pyridin-2-yl]isoquinoline-1,5-diamine
3 water water
#
_entity_poly.entity_id   1
_entity_poly.type   'polypeptide(L)'
_entity_poly.pdbx_seq_one_letter_code
;HHHHHHDRNRMKTLGRRDSSDDWEIPDGQITVGQRIGSGSFGTVYKGKWHGDVAVKMLNVTAPTPQQLQAFKNEVGVLRK
TRHVNILLFMGYSTKPQLAIVTQWCEGSSLYHHLHIIETKFEMIKLIDIARQTAQGMDYLHAKSIIHRDLKSNNIFLHED
LTVKIGDFGLATEKSRWSGSHQFEQLSGSILWMAPEVIRMQDKNPYSFQSDVYAFGIVLYELMTGQLPYSNINNRDQIIF
MVGRGYLSPDLSKVRSNCPKAMKRLMAECLKKKRDERPLFPQILASIELLARSLPKIHRS
;
_entity_poly.pdbx_strand_id   B,A
#
# COMPACT_ATOMS: atom_id res chain seq x y z
N ASP A 22 2.69 -17.27 -3.70
CA ASP A 22 3.90 -17.49 -2.85
C ASP A 22 4.92 -16.38 -3.05
N TRP A 23 5.83 -16.21 -2.09
CA TRP A 23 6.59 -14.99 -1.96
C TRP A 23 8.05 -15.08 -2.38
N GLU A 24 8.50 -16.28 -2.75
CA GLU A 24 9.82 -16.38 -3.34
C GLU A 24 9.75 -15.80 -4.74
N ILE A 25 10.53 -14.76 -4.97
CA ILE A 25 10.64 -14.14 -6.27
C ILE A 25 11.45 -15.04 -7.19
N PRO A 26 10.96 -15.25 -8.44
CA PRO A 26 11.70 -16.06 -9.42
C PRO A 26 13.17 -15.63 -9.56
N ASP A 27 14.05 -16.62 -9.70
CA ASP A 27 15.49 -16.41 -9.78
C ASP A 27 15.90 -15.41 -10.86
N GLY A 28 16.84 -14.53 -10.49
CA GLY A 28 17.39 -13.54 -11.41
C GLY A 28 16.40 -12.58 -12.03
N GLN A 29 15.58 -11.94 -11.21
CA GLN A 29 14.67 -10.92 -11.71
C GLN A 29 14.97 -9.57 -11.07
N ILE A 30 15.42 -9.61 -9.82
CA ILE A 30 15.75 -8.42 -9.05
C ILE A 30 17.02 -7.75 -9.59
N THR A 31 16.90 -6.47 -9.91
CA THR A 31 18.03 -5.65 -10.31
C THR A 31 18.39 -4.69 -9.18
N VAL A 32 19.67 -4.68 -8.81
CA VAL A 32 20.15 -3.76 -7.78
C VAL A 32 20.68 -2.45 -8.40
N GLY A 33 20.22 -1.32 -7.86
CA GLY A 33 20.61 0.00 -8.33
C GLY A 33 21.51 0.69 -7.32
N GLN A 34 21.18 1.92 -6.94
CA GLN A 34 22.00 2.68 -6.00
C GLN A 34 21.94 2.19 -4.55
N ARG A 35 23.08 2.24 -3.87
CA ARG A 35 23.18 1.86 -2.45
C ARG A 35 22.67 2.96 -1.52
N ILE A 36 21.79 2.58 -0.60
CA ILE A 36 21.16 3.54 0.32
C ILE A 36 21.85 3.54 1.69
N GLY A 37 21.91 2.36 2.31
CA GLY A 37 22.58 2.20 3.58
C GLY A 37 23.07 0.78 3.72
N SER A 38 23.96 0.55 4.66
CA SER A 38 24.41 -0.80 4.98
C SER A 38 24.56 -0.99 6.47
N GLY A 39 25.37 -1.96 6.86
CA GLY A 39 25.53 -2.31 8.27
C GLY A 39 25.68 -3.81 8.43
N SER A 40 26.12 -4.22 9.62
CA SER A 40 26.36 -5.62 9.97
C SER A 40 25.24 -6.59 9.57
N PHE A 41 24.00 -6.11 9.58
CA PHE A 41 22.83 -6.99 9.42
C PHE A 41 22.06 -6.76 8.11
N GLY A 42 22.82 -6.41 7.05
CA GLY A 42 22.25 -6.19 5.72
C GLY A 42 22.72 -4.94 4.98
N THR A 43 22.56 -4.95 3.66
CA THR A 43 22.84 -3.77 2.84
C THR A 43 21.62 -3.44 1.98
N VAL A 44 21.23 -2.17 1.96
CA VAL A 44 20.00 -1.74 1.29
C VAL A 44 20.25 -0.97 -0.01
N TYR A 45 19.54 -1.37 -1.07
CA TYR A 45 19.62 -0.68 -2.36
C TYR A 45 18.25 -0.29 -2.84
N LYS A 46 18.20 0.79 -3.61
CA LYS A 46 17.06 1.06 -4.48
C LYS A 46 17.23 0.14 -5.68
N GLY A 47 16.19 -0.62 -6.01
CA GLY A 47 16.31 -1.63 -7.05
C GLY A 47 15.17 -1.59 -8.04
N LYS A 48 15.08 -2.65 -8.83
CA LYS A 48 14.02 -2.83 -9.82
C LYS A 48 13.44 -4.24 -9.73
N TRP A 49 12.12 -4.31 -9.59
CA TRP A 49 11.36 -5.55 -9.72
C TRP A 49 9.89 -5.14 -9.87
N HIS A 50 9.37 -5.25 -11.08
CA HIS A 50 8.05 -4.71 -11.42
C HIS A 50 7.94 -3.27 -10.92
N GLY A 51 8.86 -2.41 -11.34
CA GLY A 51 8.90 -1.02 -10.89
C GLY A 51 9.85 -0.84 -9.72
N ASP A 52 9.85 0.36 -9.14
CA ASP A 52 10.74 0.67 -8.03
C ASP A 52 10.44 -0.15 -6.78
N VAL A 53 11.50 -0.71 -6.20
CA VAL A 53 11.42 -1.47 -4.95
C VAL A 53 12.62 -1.11 -4.09
N ALA A 54 12.60 -1.52 -2.84
CA ALA A 54 13.81 -1.48 -2.01
C ALA A 54 14.27 -2.91 -1.77
N VAL A 55 15.57 -3.12 -1.70
CA VAL A 55 16.11 -4.46 -1.58
C VAL A 55 17.08 -4.54 -0.40
N LYS A 56 16.82 -5.47 0.51
CA LYS A 56 17.75 -5.72 1.60
C LYS A 56 18.50 -7.02 1.36
N MET A 57 19.79 -6.90 1.11
CA MET A 57 20.60 -8.04 0.70
C MET A 57 21.71 -8.34 1.67
N LEU A 58 21.94 -9.62 1.88
CA LEU A 58 23.14 -10.09 2.54
C LEU A 58 24.23 -10.09 1.46
N ASN A 59 25.12 -9.11 1.53
CA ASN A 59 26.12 -8.90 0.47
C ASN A 59 27.19 -9.98 0.33
N VAL A 60 28.00 -10.15 1.36
CA VAL A 60 28.96 -11.27 1.41
C VAL A 60 28.14 -12.55 1.58
N THR A 61 28.15 -13.39 0.55
CA THR A 61 27.36 -14.63 0.55
C THR A 61 28.15 -15.80 1.14
N ALA A 62 27.53 -16.99 1.12
CA ALA A 62 27.90 -18.11 2.01
C ALA A 62 27.67 -17.65 3.47
N PRO A 63 26.39 -17.64 3.89
CA PRO A 63 25.97 -17.00 5.13
C PRO A 63 26.10 -17.87 6.37
N THR A 64 26.23 -17.22 7.52
CA THR A 64 26.19 -17.87 8.84
C THR A 64 24.80 -18.45 9.08
N PRO A 65 24.72 -19.60 9.78
CA PRO A 65 23.43 -20.11 10.28
C PRO A 65 22.68 -19.10 11.17
N GLN A 66 23.37 -18.05 11.62
CA GLN A 66 22.78 -16.97 12.41
C GLN A 66 22.22 -15.86 11.50
N GLN A 67 22.89 -15.62 10.38
CA GLN A 67 22.40 -14.67 9.40
C GLN A 67 21.19 -15.27 8.68
N LEU A 68 21.29 -16.55 8.34
CA LEU A 68 20.17 -17.27 7.75
C LEU A 68 18.93 -17.26 8.67
N GLN A 69 19.15 -17.24 9.98
CA GLN A 69 18.04 -17.17 10.94
C GLN A 69 17.40 -15.77 10.99
N ALA A 70 18.23 -14.73 11.01
CA ALA A 70 17.77 -13.34 11.00
C ALA A 70 16.96 -13.04 9.74
N PHE A 71 17.37 -13.63 8.63
CA PHE A 71 16.64 -13.56 7.37
C PHE A 71 15.28 -14.25 7.53
N LYS A 72 15.29 -15.52 7.90
CA LYS A 72 14.04 -16.27 8.11
C LYS A 72 13.09 -15.62 9.11
N ASN A 73 13.65 -14.92 10.10
CA ASN A 73 12.85 -14.23 11.12
C ASN A 73 12.18 -12.95 10.62
N GLU A 74 12.86 -12.20 9.76
CA GLU A 74 12.30 -10.97 9.22
C GLU A 74 11.26 -11.33 8.19
N VAL A 75 11.57 -12.30 7.32
CA VAL A 75 10.59 -12.79 6.35
C VAL A 75 9.34 -13.38 7.04
N GLY A 76 9.51 -14.04 8.17
CA GLY A 76 8.38 -14.62 8.89
C GLY A 76 7.43 -13.57 9.44
N VAL A 77 7.98 -12.45 9.91
CA VAL A 77 7.20 -11.36 10.46
C VAL A 77 6.56 -10.53 9.34
N LEU A 78 7.35 -10.21 8.32
CA LEU A 78 6.89 -9.39 7.20
C LEU A 78 5.75 -10.04 6.40
N ARG A 79 5.84 -11.34 6.18
CA ARG A 79 4.85 -12.00 5.32
C ARG A 79 3.48 -12.08 5.99
N LYS A 80 3.45 -11.70 7.27
CA LYS A 80 2.23 -11.62 8.05
C LYS A 80 1.53 -10.27 7.93
N THR A 81 2.19 -9.29 7.31
CA THR A 81 1.67 -7.93 7.34
C THR A 81 1.10 -7.45 6.01
N ARG A 82 -0.19 -7.15 6.00
CA ARG A 82 -0.86 -6.47 4.91
C ARG A 82 -1.67 -5.32 5.50
N HIS A 83 -1.07 -4.14 5.48
CA HIS A 83 -1.66 -2.94 6.07
C HIS A 83 -0.97 -1.69 5.53
N VAL A 84 -1.79 -0.68 5.25
CA VAL A 84 -1.35 0.58 4.64
C VAL A 84 -0.26 1.30 5.44
N ASN A 85 -0.23 1.09 6.74
CA ASN A 85 0.71 1.83 7.57
C ASN A 85 1.96 1.04 7.94
N ILE A 86 2.10 -0.14 7.32
CA ILE A 86 3.29 -0.97 7.49
C ILE A 86 3.92 -1.12 6.13
N LEU A 87 5.20 -0.77 6.02
CA LEU A 87 5.93 -0.89 4.75
C LEU A 87 5.58 -2.21 4.02
N LEU A 88 5.36 -2.13 2.71
CA LEU A 88 4.87 -3.29 1.96
C LEU A 88 5.98 -4.27 1.58
N PHE A 89 5.98 -5.41 2.26
CA PHE A 89 6.83 -6.53 1.90
C PHE A 89 6.34 -7.12 0.58
N MET A 90 7.23 -7.25 -0.39
CA MET A 90 6.84 -7.74 -1.70
C MET A 90 7.24 -9.18 -2.01
N GLY A 91 8.32 -9.64 -1.38
CA GLY A 91 8.77 -11.01 -1.58
C GLY A 91 10.23 -11.13 -1.23
N TYR A 92 10.77 -12.35 -1.35
CA TYR A 92 12.15 -12.64 -0.98
C TYR A 92 12.85 -13.49 -2.03
N SER A 93 14.17 -13.55 -1.94
CA SER A 93 14.97 -14.34 -2.85
C SER A 93 16.13 -15.00 -2.12
N THR A 94 16.69 -16.03 -2.73
CA THR A 94 17.79 -16.77 -2.13
C THR A 94 18.95 -16.94 -3.09
N LYS A 95 18.65 -16.86 -4.37
CA LYS A 95 19.66 -16.98 -5.43
C LYS A 95 19.73 -15.69 -6.25
N PRO A 96 20.94 -15.13 -6.41
CA PRO A 96 22.19 -15.72 -5.92
C PRO A 96 22.41 -15.52 -4.42
N GLN A 97 21.72 -14.55 -3.83
CA GLN A 97 21.90 -14.24 -2.40
C GLN A 97 20.60 -13.89 -1.69
N LEU A 98 20.61 -14.03 -0.36
CA LEU A 98 19.45 -13.72 0.45
C LEU A 98 19.06 -12.26 0.29
N ALA A 99 17.77 -12.02 0.01
CA ALA A 99 17.27 -10.68 -0.20
C ALA A 99 15.79 -10.51 0.19
N ILE A 100 15.48 -9.34 0.73
CA ILE A 100 14.13 -8.97 1.09
C ILE A 100 13.71 -7.78 0.21
N VAL A 101 12.63 -7.95 -0.53
CA VAL A 101 12.17 -6.90 -1.43
C VAL A 101 10.92 -6.25 -0.84
N THR A 102 10.92 -4.93 -0.76
CA THR A 102 9.75 -4.18 -0.31
C THR A 102 9.49 -3.02 -1.25
N GLN A 103 8.30 -2.43 -1.19
CA GLN A 103 7.97 -1.26 -2.00
C GLN A 103 9.02 -0.16 -1.85
N TRP A 104 9.15 0.69 -2.87
CA TRP A 104 10.01 1.86 -2.74
C TRP A 104 9.19 3.06 -2.31
N CYS A 105 9.68 3.77 -1.30
CA CYS A 105 9.02 4.98 -0.84
C CYS A 105 9.85 6.22 -1.04
N GLU A 106 9.27 7.19 -1.76
CA GLU A 106 9.82 8.52 -1.80
C GLU A 106 9.37 9.23 -0.53
N GLY A 107 10.23 10.11 -0.01
CA GLY A 107 9.95 10.84 1.22
C GLY A 107 11.08 10.65 2.21
N SER A 108 10.83 10.92 3.48
CA SER A 108 11.84 10.78 4.53
C SER A 108 11.22 10.46 5.88
N SER A 109 12.05 10.06 6.84
CA SER A 109 11.55 9.67 8.16
C SER A 109 11.06 10.86 8.99
N LEU A 110 10.22 10.57 9.98
CA LEU A 110 9.69 11.59 10.88
C LEU A 110 10.81 12.31 11.63
N TYR A 111 11.86 11.56 11.94
CA TYR A 111 13.02 12.08 12.63
C TYR A 111 13.70 13.17 11.81
N HIS A 112 13.86 12.89 10.52
CA HIS A 112 14.50 13.80 9.60
C HIS A 112 13.70 15.11 9.51
N HIS A 113 12.37 15.01 9.44
CA HIS A 113 11.51 16.18 9.29
C HIS A 113 11.55 17.04 10.56
N LEU A 114 11.48 16.39 11.72
CA LEU A 114 11.39 17.10 12.99
C LEU A 114 12.70 17.70 13.46
N HIS A 115 13.80 16.99 13.22
CA HIS A 115 15.06 17.29 13.90
C HIS A 115 16.23 17.66 12.99
N ILE A 116 16.04 17.53 11.68
CA ILE A 116 17.11 17.91 10.78
C ILE A 116 16.72 19.05 9.84
N ILE A 117 15.60 18.92 9.14
CA ILE A 117 15.12 20.03 8.29
C ILE A 117 14.02 20.87 8.98
N GLU A 118 13.69 20.50 10.21
CA GLU A 118 12.78 21.27 11.06
C GLU A 118 11.49 21.72 10.35
N THR A 119 10.88 20.78 9.63
CA THR A 119 9.57 20.95 9.04
C THR A 119 8.56 21.35 10.10
N LYS A 120 7.72 22.31 9.80
CA LYS A 120 6.70 22.76 10.73
C LYS A 120 5.31 22.37 10.24
N PHE A 121 4.84 21.21 10.69
CA PHE A 121 3.50 20.74 10.37
C PHE A 121 2.48 21.52 11.17
N GLU A 122 1.28 21.67 10.62
CA GLU A 122 0.18 22.21 11.38
C GLU A 122 -0.32 21.14 12.36
N MET A 123 -1.08 21.54 13.37
CA MET A 123 -1.52 20.64 14.44
C MET A 123 -2.37 19.47 13.93
N ILE A 124 -3.27 19.74 12.99
CA ILE A 124 -4.19 18.73 12.47
C ILE A 124 -3.45 17.62 11.72
N LYS A 125 -2.27 17.96 11.19
CA LYS A 125 -1.39 17.01 10.51
C LYS A 125 -0.55 16.20 11.50
N LEU A 126 -0.07 16.85 12.55
CA LEU A 126 0.64 16.16 13.64
C LEU A 126 -0.26 15.06 14.22
N ILE A 127 -1.53 15.38 14.41
CA ILE A 127 -2.47 14.41 14.94
C ILE A 127 -2.68 13.29 13.93
N ASP A 128 -2.76 13.66 12.65
CA ASP A 128 -2.88 12.66 11.60
C ASP A 128 -1.70 11.67 11.58
N ILE A 129 -0.48 12.17 11.78
CA ILE A 129 0.71 11.33 11.80
C ILE A 129 0.65 10.33 12.95
N ALA A 130 0.25 10.82 14.13
CA ALA A 130 0.10 10.01 15.34
C ALA A 130 -0.99 8.97 15.18
N ARG A 131 -2.07 9.34 14.51
CA ARG A 131 -3.16 8.40 14.29
C ARG A 131 -2.71 7.21 13.43
N GLN A 132 -2.07 7.52 12.31
CA GLN A 132 -1.60 6.52 11.36
C GLN A 132 -0.57 5.57 12.00
N THR A 133 0.33 6.12 12.81
CA THR A 133 1.33 5.34 13.52
C THR A 133 0.65 4.35 14.45
N ALA A 134 -0.36 4.84 15.16
CA ALA A 134 -1.17 3.99 16.04
C ALA A 134 -1.99 2.96 15.26
N GLN A 135 -2.54 3.34 14.09
CA GLN A 135 -3.20 2.34 13.22
C GLN A 135 -2.23 1.20 12.98
N GLY A 136 -1.03 1.55 12.53
CA GLY A 136 0.04 0.58 12.26
C GLY A 136 0.45 -0.26 13.47
N MET A 137 0.75 0.40 14.58
CA MET A 137 1.08 -0.30 15.83
C MET A 137 -0.02 -1.25 16.28
N ASP A 138 -1.25 -0.77 16.29
CA ASP A 138 -2.42 -1.58 16.59
C ASP A 138 -2.44 -2.89 15.77
N TYR A 139 -2.20 -2.77 14.46
CA TYR A 139 -2.19 -3.90 13.56
C TYR A 139 -1.10 -4.93 13.94
N LEU A 140 0.15 -4.47 14.11
CA LEU A 140 1.25 -5.35 14.52
C LEU A 140 0.91 -6.10 15.81
N HIS A 141 0.41 -5.39 16.80
CA HIS A 141 0.04 -6.02 18.05
C HIS A 141 -1.06 -7.06 17.89
N ALA A 142 -2.06 -6.75 17.07
CA ALA A 142 -3.11 -7.72 16.74
C ALA A 142 -2.56 -9.00 16.09
N LYS A 143 -1.49 -8.89 15.30
CA LYS A 143 -0.80 -10.07 14.76
C LYS A 143 0.33 -10.52 15.69
N SER A 144 0.27 -10.11 16.96
CA SER A 144 1.23 -10.52 17.98
C SER A 144 2.68 -10.15 17.67
N ILE A 145 2.88 -9.01 17.05
CA ILE A 145 4.22 -8.56 16.73
C ILE A 145 4.58 -7.39 17.64
N ILE A 146 5.67 -7.56 18.39
CA ILE A 146 6.22 -6.48 19.17
C ILE A 146 7.29 -5.84 18.33
N HIS A 147 7.14 -4.55 18.07
CA HIS A 147 8.10 -3.83 17.23
C HIS A 147 9.49 -3.77 17.85
N ARG A 148 9.55 -3.45 19.15
CA ARG A 148 10.79 -3.45 19.93
C ARG A 148 11.69 -2.23 19.69
N ASP A 149 11.43 -1.45 18.64
CA ASP A 149 12.33 -0.38 18.27
C ASP A 149 11.58 0.79 17.64
N LEU A 150 10.42 1.11 18.18
CA LEU A 150 9.64 2.22 17.67
C LEU A 150 10.31 3.54 18.04
N LYS A 151 10.57 4.35 17.03
CA LYS A 151 11.18 5.66 17.18
C LYS A 151 10.83 6.44 15.91
N SER A 152 10.96 7.76 15.95
CA SER A 152 10.55 8.58 14.83
C SER A 152 11.34 8.32 13.54
N ASN A 153 12.54 7.75 13.66
CA ASN A 153 13.32 7.38 12.48
C ASN A 153 12.78 6.12 11.79
N ASN A 154 12.01 5.32 12.51
CA ASN A 154 11.36 4.14 11.97
C ASN A 154 9.94 4.40 11.52
N ILE A 155 9.57 5.68 11.47
CA ILE A 155 8.28 6.13 10.96
C ILE A 155 8.53 6.96 9.69
N PHE A 156 8.32 6.35 8.54
CA PHE A 156 8.62 7.01 7.28
C PHE A 156 7.42 7.81 6.77
N LEU A 157 7.68 8.97 6.19
CA LEU A 157 6.61 9.79 5.64
C LEU A 157 6.58 9.73 4.12
N HIS A 158 5.80 8.79 3.61
CA HIS A 158 5.68 8.53 2.19
C HIS A 158 5.01 9.73 1.50
N GLU A 159 5.78 10.44 0.68
CA GLU A 159 5.33 11.68 0.04
C GLU A 159 4.84 12.67 1.10
N ASP A 160 5.43 12.55 2.29
CA ASP A 160 5.14 13.39 3.46
C ASP A 160 3.66 13.37 3.85
N LEU A 161 3.02 12.22 3.61
CA LEU A 161 1.56 12.09 3.69
C LEU A 161 1.17 10.81 4.48
N THR A 162 1.32 9.65 3.84
CA THR A 162 1.08 8.36 4.49
C THR A 162 2.29 7.98 5.35
N VAL A 163 2.01 7.41 6.51
CA VAL A 163 3.02 6.91 7.42
C VAL A 163 3.27 5.42 7.13
N LYS A 164 4.54 5.04 7.12
CA LYS A 164 4.92 3.64 6.94
C LYS A 164 5.88 3.22 8.06
N ILE A 165 5.40 2.36 8.94
CA ILE A 165 6.22 1.83 10.01
C ILE A 165 7.13 0.76 9.43
N GLY A 166 8.32 0.65 10.01
CA GLY A 166 9.23 -0.43 9.68
C GLY A 166 10.37 -0.46 10.65
N ASP A 167 11.39 -1.23 10.32
CA ASP A 167 12.66 -1.16 10.99
C ASP A 167 13.71 -0.81 9.94
N PHE A 168 14.03 0.47 9.89
CA PHE A 168 14.89 1.03 8.86
C PHE A 168 16.38 1.04 9.23
N GLY A 169 16.72 0.42 10.36
CA GLY A 169 18.12 0.40 10.84
C GLY A 169 18.92 -0.85 10.52
N LEU A 170 20.24 -0.71 10.51
CA LEU A 170 21.16 -1.84 10.31
C LEU A 170 22.37 -1.76 11.24
N SER A 187 22.08 1.09 20.36
CA SER A 187 21.73 1.97 21.47
C SER A 187 21.48 3.43 21.01
N GLY A 188 21.07 3.58 19.76
CA GLY A 188 20.60 4.85 19.25
C GLY A 188 19.09 4.94 19.42
N SER A 189 18.51 4.03 20.20
CA SER A 189 17.08 4.10 20.48
C SER A 189 16.76 4.30 21.98
N ILE A 190 17.79 4.72 22.73
CA ILE A 190 17.66 4.91 24.17
C ILE A 190 16.51 5.86 24.53
N LEU A 191 16.40 6.97 23.81
CA LEU A 191 15.38 7.98 24.11
C LEU A 191 13.96 7.42 24.12
N TRP A 192 13.74 6.35 23.37
CA TRP A 192 12.41 5.76 23.24
C TRP A 192 12.21 4.52 24.14
N MET A 193 13.18 4.26 25.01
CA MET A 193 13.16 3.07 25.85
C MET A 193 12.43 3.32 27.14
N ALA A 194 11.43 2.50 27.38
CA ALA A 194 10.74 2.46 28.66
C ALA A 194 11.74 2.13 29.76
N PRO A 195 11.49 2.62 30.99
CA PRO A 195 12.35 2.32 32.12
C PRO A 195 12.67 0.82 32.28
N GLU A 196 11.68 -0.05 32.10
CA GLU A 196 11.92 -1.51 32.17
C GLU A 196 12.95 -1.96 31.13
N VAL A 197 12.84 -1.41 29.93
CA VAL A 197 13.75 -1.74 28.84
C VAL A 197 15.14 -1.18 29.11
N ILE A 198 15.22 0.13 29.35
CA ILE A 198 16.49 0.83 29.52
C ILE A 198 17.35 0.30 30.68
N ARG A 199 16.73 -0.48 31.57
CA ARG A 199 17.39 -0.96 32.80
C ARG A 199 18.26 -2.22 32.60
N MET A 200 18.26 -2.77 31.37
CA MET A 200 19.11 -3.91 31.00
C MET A 200 18.88 -5.13 31.89
N GLN A 201 17.61 -5.40 32.23
CA GLN A 201 17.26 -6.57 33.02
C GLN A 201 17.48 -7.87 32.24
N ASP A 202 17.73 -8.96 32.95
CA ASP A 202 17.97 -10.27 32.33
C ASP A 202 16.75 -10.77 31.57
N LYS A 203 15.65 -11.01 32.28
CA LYS A 203 14.39 -11.48 31.67
C LYS A 203 13.84 -10.48 30.64
N ASN A 204 13.59 -10.97 29.42
CA ASN A 204 13.08 -10.17 28.30
C ASN A 204 12.10 -9.09 28.78
N PRO A 205 12.45 -7.82 28.56
CA PRO A 205 11.63 -6.72 29.05
C PRO A 205 10.60 -6.17 28.04
N TYR A 206 10.62 -6.66 26.81
CA TYR A 206 9.78 -6.11 25.75
C TYR A 206 8.35 -6.63 25.83
N SER A 207 7.40 -5.72 25.64
CA SER A 207 5.98 -6.04 25.65
C SER A 207 5.21 -5.04 24.79
N PHE A 208 3.92 -5.25 24.66
CA PHE A 208 3.08 -4.28 23.98
C PHE A 208 3.22 -2.92 24.63
N GLN A 209 3.35 -2.93 25.96
CA GLN A 209 3.40 -1.69 26.75
C GLN A 209 4.68 -0.90 26.57
N SER A 210 5.79 -1.59 26.30
CA SER A 210 7.05 -0.90 26.00
C SER A 210 6.99 -0.17 24.65
N ASP A 211 6.30 -0.77 23.67
CA ASP A 211 6.02 -0.12 22.38
C ASP A 211 5.19 1.15 22.59
N VAL A 212 4.23 1.07 23.50
CA VAL A 212 3.37 2.20 23.83
C VAL A 212 4.22 3.33 24.40
N TYR A 213 5.12 2.99 25.32
CA TYR A 213 6.02 4.00 25.87
C TYR A 213 6.72 4.74 24.73
N ALA A 214 7.28 3.98 23.79
CA ALA A 214 7.97 4.55 22.62
C ALA A 214 7.05 5.48 21.85
N PHE A 215 5.80 5.06 21.67
CA PHE A 215 4.80 5.86 20.99
C PHE A 215 4.61 7.18 21.72
N GLY A 216 4.58 7.11 23.05
CA GLY A 216 4.47 8.31 23.87
C GLY A 216 5.60 9.29 23.63
N ILE A 217 6.81 8.78 23.42
CA ILE A 217 7.96 9.64 23.13
C ILE A 217 7.86 10.26 21.73
N VAL A 218 7.41 9.46 20.77
CA VAL A 218 7.09 9.97 19.44
C VAL A 218 6.05 11.10 19.53
N LEU A 219 5.09 10.96 20.43
CA LEU A 219 4.08 12.00 20.64
C LEU A 219 4.68 13.27 21.21
N TYR A 220 5.65 13.09 22.10
CA TYR A 220 6.38 14.20 22.69
C TYR A 220 7.14 14.89 21.56
N GLU A 221 7.83 14.09 20.75
CA GLU A 221 8.56 14.61 19.59
C GLU A 221 7.67 15.45 18.70
N LEU A 222 6.47 14.97 18.44
CA LEU A 222 5.50 15.69 17.59
C LEU A 222 4.99 16.97 18.24
N MET A 223 4.64 16.88 19.52
CA MET A 223 3.99 17.97 20.22
C MET A 223 4.92 19.07 20.67
N THR A 224 6.17 18.73 20.94
CA THR A 224 7.18 19.70 21.35
C THR A 224 8.15 20.06 20.25
N GLY A 225 8.17 19.25 19.18
CA GLY A 225 9.08 19.48 18.07
C GLY A 225 10.52 19.08 18.30
N GLN A 226 10.83 18.57 19.49
CA GLN A 226 12.24 18.25 19.82
C GLN A 226 12.43 16.91 20.52
N LEU A 227 13.68 16.54 20.75
CA LEU A 227 14.02 15.30 21.45
C LEU A 227 14.04 15.53 22.95
N PRO A 228 13.71 14.51 23.74
CA PRO A 228 13.74 14.72 25.18
C PRO A 228 15.15 14.76 25.76
N TYR A 229 15.31 15.45 26.90
CA TYR A 229 16.57 15.45 27.67
C TYR A 229 17.71 16.08 26.88
N SER A 230 17.40 17.13 26.13
CA SER A 230 18.37 17.82 25.30
C SER A 230 19.35 18.64 26.13
N ASN A 231 19.01 18.88 27.40
CA ASN A 231 19.88 19.59 28.31
C ASN A 231 20.77 18.69 29.17
N ILE A 232 20.82 17.40 28.80
CA ILE A 232 21.76 16.44 29.41
C ILE A 232 22.68 15.90 28.31
N ASN A 233 23.99 16.07 28.49
CA ASN A 233 24.93 15.66 27.45
C ASN A 233 25.60 14.31 27.70
N ASN A 234 25.19 13.62 28.76
CA ASN A 234 25.80 12.35 29.15
C ASN A 234 24.88 11.15 28.96
N ARG A 235 25.24 10.26 28.04
CA ARG A 235 24.41 9.09 27.73
C ARG A 235 24.18 8.13 28.92
N ASP A 236 25.24 7.80 29.67
CA ASP A 236 25.12 6.89 30.82
C ASP A 236 24.16 7.49 31.84
N GLN A 237 24.27 8.80 32.03
CA GLN A 237 23.44 9.53 32.97
C GLN A 237 21.95 9.48 32.62
N ILE A 238 21.61 9.64 31.34
CA ILE A 238 20.22 9.47 30.88
C ILE A 238 19.72 8.04 31.14
N ILE A 239 20.48 7.05 30.68
CA ILE A 239 20.19 5.63 30.92
C ILE A 239 19.89 5.35 32.40
N PHE A 240 20.75 5.87 33.27
CA PHE A 240 20.66 5.58 34.70
C PHE A 240 19.43 6.23 35.31
N MET A 241 19.12 7.44 34.84
CA MET A 241 18.09 8.24 35.47
C MET A 241 16.71 7.93 35.01
N VAL A 242 16.55 7.65 33.71
CA VAL A 242 15.26 7.20 33.19
C VAL A 242 14.95 5.86 33.83
N GLY A 243 15.95 4.99 33.87
CA GLY A 243 15.84 3.68 34.49
C GLY A 243 15.39 3.66 35.93
N ARG A 244 15.89 4.58 36.75
CA ARG A 244 15.51 4.63 38.17
C ARG A 244 14.25 5.47 38.38
N GLY A 245 13.71 6.05 37.31
CA GLY A 245 12.51 6.86 37.41
C GLY A 245 12.78 8.28 37.89
N TYR A 246 14.06 8.63 37.99
CA TYR A 246 14.45 9.94 38.49
C TYR A 246 14.22 11.00 37.43
N LEU A 247 14.28 10.56 36.17
CA LEU A 247 14.14 11.45 35.03
C LEU A 247 13.02 10.98 34.14
N SER A 248 12.24 11.95 33.69
CA SER A 248 11.05 11.73 32.91
C SER A 248 10.98 12.88 31.91
N PRO A 249 10.29 12.68 30.77
CA PRO A 249 10.24 13.78 29.79
C PRO A 249 9.47 14.98 30.33
N ASP A 250 9.90 16.18 29.96
CA ASP A 250 9.33 17.44 30.45
C ASP A 250 8.08 17.83 29.68
N LEU A 251 6.94 17.42 30.21
CA LEU A 251 5.65 17.56 29.52
C LEU A 251 5.11 18.98 29.43
N SER A 252 5.76 19.93 30.09
CA SER A 252 5.34 21.34 30.03
C SER A 252 5.89 22.08 28.82
N LYS A 253 6.65 21.36 27.99
CA LYS A 253 7.19 21.93 26.74
C LYS A 253 6.22 21.79 25.56
N VAL A 254 5.11 21.09 25.77
CA VAL A 254 4.14 20.87 24.70
C VAL A 254 3.40 22.17 24.39
N ARG A 255 3.34 22.51 23.09
CA ARG A 255 2.76 23.78 22.61
C ARG A 255 1.34 24.02 23.15
N SER A 256 0.92 25.28 23.14
CA SER A 256 -0.40 25.63 23.69
C SER A 256 -1.56 25.23 22.76
N ASN A 257 -1.32 25.25 21.45
CA ASN A 257 -2.33 24.85 20.46
C ASN A 257 -2.56 23.34 20.42
N CYS A 258 -1.86 22.64 21.29
CA CYS A 258 -1.93 21.19 21.42
C CYS A 258 -3.11 20.83 22.34
N PRO A 259 -4.10 20.06 21.83
CA PRO A 259 -5.31 19.74 22.61
C PRO A 259 -4.98 19.10 23.96
N LYS A 260 -5.72 19.50 25.00
CA LYS A 260 -5.45 19.02 26.35
C LYS A 260 -5.61 17.50 26.50
N ALA A 261 -6.52 16.92 25.72
CA ALA A 261 -6.75 15.47 25.70
C ALA A 261 -5.58 14.70 25.07
N MET A 262 -4.81 15.37 24.22
CA MET A 262 -3.62 14.78 23.62
C MET A 262 -2.49 14.70 24.64
N LYS A 263 -2.23 15.81 25.32
CA LYS A 263 -1.22 15.88 26.38
C LYS A 263 -1.52 14.85 27.47
N ARG A 264 -2.80 14.63 27.73
CA ARG A 264 -3.23 13.62 28.68
C ARG A 264 -2.82 12.24 28.19
N LEU A 265 -3.23 11.89 26.96
CA LEU A 265 -2.91 10.59 26.36
C LEU A 265 -1.41 10.28 26.40
N MET A 266 -0.61 11.27 26.01
CA MET A 266 0.83 11.20 26.09
C MET A 266 1.36 10.84 27.49
N ALA A 267 0.91 11.56 28.53
CA ALA A 267 1.28 11.27 29.91
C ALA A 267 0.84 9.86 30.33
N GLU A 268 -0.32 9.43 29.86
CA GLU A 268 -0.84 8.09 30.12
C GLU A 268 0.08 7.04 29.47
N CYS A 269 0.55 7.33 28.26
CA CYS A 269 1.50 6.48 27.54
C CYS A 269 2.88 6.38 28.18
N LEU A 270 3.27 7.41 28.94
CA LEU A 270 4.64 7.48 29.47
C LEU A 270 4.74 7.01 30.90
N LYS A 271 3.65 6.45 31.43
CA LYS A 271 3.56 6.01 32.81
C LYS A 271 4.66 4.99 33.13
N LYS A 272 5.30 5.16 34.28
CA LYS A 272 6.42 4.31 34.68
C LYS A 272 5.96 2.89 35.02
N LYS A 273 4.74 2.76 35.51
CA LYS A 273 4.14 1.44 35.70
C LYS A 273 3.67 0.90 34.34
N ARG A 274 4.32 -0.17 33.93
CA ARG A 274 4.03 -0.92 32.71
C ARG A 274 2.53 -1.06 32.42
N ASP A 275 1.79 -1.65 33.35
CA ASP A 275 0.36 -2.00 33.12
C ASP A 275 -0.64 -0.85 33.19
N GLU A 276 -0.21 0.31 33.69
CA GLU A 276 -1.06 1.50 33.67
C GLU A 276 -1.17 2.07 32.26
N ARG A 277 -0.22 1.73 31.40
CA ARG A 277 -0.15 2.27 30.04
C ARG A 277 -1.24 1.69 29.13
N PRO A 278 -1.98 2.56 28.41
CA PRO A 278 -3.03 2.11 27.51
C PRO A 278 -2.45 1.23 26.41
N LEU A 279 -3.29 0.31 25.92
CA LEU A 279 -2.91 -0.51 24.80
C LEU A 279 -3.36 0.22 23.52
N PHE A 280 -2.88 -0.26 22.38
CA PHE A 280 -3.14 0.45 21.13
C PHE A 280 -4.59 0.61 20.66
N PRO A 281 -5.50 -0.38 20.95
CA PRO A 281 -6.90 -0.06 20.58
C PRO A 281 -7.45 1.14 21.35
N GLN A 282 -7.15 1.22 22.64
CA GLN A 282 -7.49 2.38 23.45
C GLN A 282 -6.91 3.70 22.91
N ILE A 283 -5.59 3.71 22.67
CA ILE A 283 -4.90 4.88 22.14
C ILE A 283 -5.57 5.40 20.87
N LEU A 284 -5.72 4.51 19.89
CA LEU A 284 -6.39 4.82 18.64
C LEU A 284 -7.78 5.42 18.86
N ALA A 285 -8.58 4.75 19.69
CA ALA A 285 -9.91 5.26 20.04
C ALA A 285 -9.84 6.70 20.56
N SER A 286 -8.93 6.95 21.51
CA SER A 286 -8.69 8.29 22.09
C SER A 286 -8.28 9.33 21.05
N ILE A 287 -7.40 8.94 20.12
CA ILE A 287 -6.92 9.87 19.09
C ILE A 287 -8.04 10.20 18.11
N GLU A 288 -8.78 9.18 17.68
CA GLU A 288 -9.93 9.35 16.79
C GLU A 288 -11.08 10.13 17.44
N LEU A 289 -11.12 10.15 18.77
CA LEU A 289 -12.12 10.93 19.51
C LEU A 289 -11.85 12.44 19.37
N LEU A 290 -10.67 12.87 19.81
CA LEU A 290 -10.26 14.27 19.74
C LEU A 290 -10.09 14.76 18.29
N ALA A 291 -9.72 13.85 17.40
CA ALA A 291 -9.55 14.15 15.96
C ALA A 291 -10.77 14.84 15.35
N ARG A 292 -11.88 14.84 16.09
CA ARG A 292 -13.11 15.48 15.66
C ARG A 292 -13.12 16.98 15.95
N SER A 293 -12.53 17.37 17.08
CA SER A 293 -12.45 18.78 17.47
C SER A 293 -11.31 19.51 16.75
N ASP B 22 -4.13 -17.77 8.29
CA ASP B 22 -3.15 -16.71 7.89
C ASP B 22 -3.87 -15.37 7.69
N TRP B 23 -4.73 -15.30 6.67
CA TRP B 23 -5.42 -14.07 6.34
C TRP B 23 -6.87 -14.08 6.79
N GLU B 24 -7.24 -15.12 7.53
CA GLU B 24 -8.54 -15.14 8.18
C GLU B 24 -8.56 -14.13 9.32
N ILE B 25 -9.48 -13.20 9.24
CA ILE B 25 -9.63 -12.18 10.26
C ILE B 25 -10.42 -12.74 11.43
N PRO B 26 -9.92 -12.55 12.68
CA PRO B 26 -10.63 -13.08 13.86
C PRO B 26 -12.08 -12.61 13.91
N ASP B 27 -12.96 -13.49 14.37
CA ASP B 27 -14.41 -13.24 14.39
C ASP B 27 -14.81 -11.95 15.12
N GLY B 28 -15.69 -11.18 14.49
CA GLY B 28 -16.32 -10.02 15.11
C GLY B 28 -15.45 -8.79 15.30
N GLN B 29 -14.34 -8.71 14.56
CA GLN B 29 -13.44 -7.58 14.67
C GLN B 29 -13.77 -6.45 13.70
N ILE B 30 -14.39 -6.81 12.58
CA ILE B 30 -14.70 -5.85 11.52
C ILE B 30 -16.03 -5.14 11.78
N THR B 31 -15.96 -3.82 11.95
CA THR B 31 -17.14 -2.98 12.16
C THR B 31 -17.65 -2.38 10.85
N VAL B 32 -18.76 -2.92 10.35
CA VAL B 32 -19.39 -2.47 9.11
C VAL B 32 -19.96 -1.07 9.27
N GLY B 33 -19.68 -0.18 8.32
CA GLY B 33 -20.17 1.21 8.35
C GLY B 33 -21.11 1.54 7.21
N GLN B 34 -20.83 2.61 6.49
CA GLN B 34 -21.71 3.09 5.41
C GLN B 34 -21.69 2.15 4.22
N ARG B 35 -22.84 1.98 3.58
CA ARG B 35 -22.96 1.14 2.38
C ARG B 35 -22.43 1.88 1.18
N ILE B 36 -21.45 1.30 0.50
CA ILE B 36 -20.77 1.97 -0.61
C ILE B 36 -21.38 1.60 -1.95
N GLY B 37 -21.73 0.33 -2.11
CA GLY B 37 -22.33 -0.14 -3.36
C GLY B 37 -22.88 -1.54 -3.21
N SER B 38 -23.76 -1.92 -4.12
CA SER B 38 -24.26 -3.28 -4.13
C SER B 38 -24.61 -3.71 -5.53
N GLY B 39 -24.45 -5.01 -5.78
CA GLY B 39 -24.84 -5.59 -7.03
C GLY B 39 -25.53 -6.90 -6.76
N SER B 40 -25.76 -7.67 -7.81
CA SER B 40 -26.33 -8.99 -7.70
C SER B 40 -25.36 -9.93 -6.98
N PHE B 41 -24.06 -9.65 -7.10
CA PHE B 41 -23.01 -10.53 -6.59
C PHE B 41 -22.10 -9.86 -5.56
N GLY B 42 -22.72 -9.23 -4.57
CA GLY B 42 -22.00 -8.62 -3.46
C GLY B 42 -22.44 -7.23 -3.09
N THR B 43 -22.11 -6.85 -1.85
CA THR B 43 -22.38 -5.51 -1.33
C THR B 43 -21.10 -5.03 -0.66
N VAL B 44 -20.73 -3.77 -0.92
CA VAL B 44 -19.50 -3.21 -0.38
C VAL B 44 -19.79 -2.15 0.67
N TYR B 45 -19.02 -2.21 1.75
CA TYR B 45 -19.16 -1.25 2.86
C TYR B 45 -17.82 -0.58 3.15
N LYS B 46 -17.89 0.69 3.53
CA LYS B 46 -16.77 1.28 4.25
C LYS B 46 -16.83 0.71 5.66
N GLY B 47 -15.70 0.25 6.17
CA GLY B 47 -15.68 -0.40 7.49
C GLY B 47 -14.53 0.06 8.37
N LYS B 48 -14.39 -0.58 9.52
CA LYS B 48 -13.25 -0.34 10.42
C LYS B 48 -12.57 -1.64 10.86
N TRP B 49 -11.28 -1.75 10.56
CA TRP B 49 -10.44 -2.82 11.07
C TRP B 49 -9.01 -2.34 11.05
N HIS B 50 -8.54 -1.82 12.19
CA HIS B 50 -7.22 -1.18 12.29
C HIS B 50 -7.12 -0.01 11.32
N GLY B 51 -8.18 0.82 11.32
CA GLY B 51 -8.30 1.94 10.40
C GLY B 51 -9.41 1.71 9.41
N ASP B 52 -9.47 2.56 8.40
CA ASP B 52 -10.47 2.42 7.32
C ASP B 52 -10.14 1.23 6.44
N VAL B 53 -11.16 0.44 6.15
CA VAL B 53 -11.05 -0.67 5.21
C VAL B 53 -12.27 -0.65 4.32
N ALA B 54 -12.19 -1.38 3.22
CA ALA B 54 -13.34 -1.72 2.42
C ALA B 54 -13.67 -3.16 2.74
N VAL B 55 -14.97 -3.46 2.87
CA VAL B 55 -15.43 -4.81 3.12
C VAL B 55 -16.40 -5.23 2.03
N LYS B 56 -16.08 -6.30 1.32
CA LYS B 56 -17.03 -6.85 0.36
C LYS B 56 -17.66 -8.07 0.96
N MET B 57 -18.98 -8.10 0.97
CA MET B 57 -19.73 -9.12 1.69
C MET B 57 -20.70 -9.85 0.77
N LEU B 58 -21.40 -10.83 1.31
CA LEU B 58 -22.47 -11.51 0.58
C LEU B 58 -23.82 -11.24 1.25
N ASN B 59 -24.60 -10.36 0.62
CA ASN B 59 -25.90 -9.86 1.11
C ASN B 59 -26.65 -10.77 2.11
N VAL B 60 -26.78 -12.05 1.75
CA VAL B 60 -27.56 -13.03 2.52
C VAL B 60 -26.68 -14.23 2.88
N THR B 61 -27.13 -15.03 3.85
CA THR B 61 -26.61 -16.39 4.06
C THR B 61 -27.80 -17.37 4.01
N ALA B 62 -27.55 -18.67 3.81
CA ALA B 62 -26.23 -19.25 3.61
C ALA B 62 -25.81 -19.18 2.13
N PRO B 63 -24.48 -19.14 1.87
CA PRO B 63 -23.99 -19.09 0.50
C PRO B 63 -24.17 -20.42 -0.25
N THR B 64 -24.54 -20.34 -1.53
CA THR B 64 -24.61 -21.51 -2.41
C THR B 64 -23.19 -22.01 -2.65
N PRO B 65 -23.03 -23.29 -3.10
CA PRO B 65 -21.68 -23.77 -3.43
C PRO B 65 -21.00 -22.90 -4.49
N GLN B 66 -21.82 -22.20 -5.28
CA GLN B 66 -21.36 -21.26 -6.29
C GLN B 66 -20.68 -20.05 -5.67
N GLN B 67 -21.43 -19.32 -4.84
CA GLN B 67 -20.92 -18.13 -4.16
C GLN B 67 -19.67 -18.43 -3.33
N LEU B 68 -19.69 -19.59 -2.66
CA LEU B 68 -18.55 -20.07 -1.87
C LEU B 68 -17.32 -20.28 -2.74
N GLN B 69 -17.53 -20.76 -3.97
CA GLN B 69 -16.44 -20.96 -4.91
C GLN B 69 -15.90 -19.63 -5.43
N ALA B 70 -16.79 -18.70 -5.76
CA ALA B 70 -16.40 -17.37 -6.23
C ALA B 70 -15.61 -16.63 -5.14
N PHE B 71 -16.02 -16.81 -3.89
CA PHE B 71 -15.29 -16.28 -2.75
C PHE B 71 -13.89 -16.90 -2.64
N LYS B 72 -13.81 -18.23 -2.78
CA LYS B 72 -12.53 -18.90 -2.66
C LYS B 72 -11.59 -18.55 -3.80
N ASN B 73 -12.16 -18.29 -4.97
CA ASN B 73 -11.39 -17.94 -6.15
C ASN B 73 -10.77 -16.55 -6.06
N GLU B 74 -11.59 -15.55 -5.72
CA GLU B 74 -11.09 -14.19 -5.56
C GLU B 74 -10.03 -14.11 -4.47
N VAL B 75 -10.36 -14.56 -3.26
CA VAL B 75 -9.37 -14.68 -2.18
C VAL B 75 -8.13 -15.44 -2.66
N GLY B 76 -8.33 -16.54 -3.38
CA GLY B 76 -7.22 -17.30 -3.96
C GLY B 76 -6.28 -16.44 -4.81
N VAL B 77 -6.87 -15.55 -5.58
CA VAL B 77 -6.12 -14.66 -6.44
C VAL B 77 -5.49 -13.49 -5.64
N LEU B 78 -6.25 -12.91 -4.71
CA LEU B 78 -5.78 -11.73 -3.99
C LEU B 78 -4.61 -12.02 -3.07
N ARG B 79 -4.61 -13.19 -2.44
CA ARG B 79 -3.57 -13.57 -1.51
C ARG B 79 -2.19 -13.69 -2.20
N LYS B 80 -2.20 -13.67 -3.53
CA LYS B 80 -0.97 -13.75 -4.33
C LYS B 80 -0.42 -12.38 -4.74
N THR B 81 -1.14 -11.31 -4.44
CA THR B 81 -0.79 -9.95 -4.88
C THR B 81 -0.22 -9.05 -3.76
N ARG B 82 0.99 -8.55 -3.96
CA ARG B 82 1.62 -7.60 -3.06
C ARG B 82 2.42 -6.61 -3.90
N HIS B 83 1.71 -5.63 -4.44
CA HIS B 83 2.30 -4.65 -5.31
C HIS B 83 1.53 -3.35 -5.16
N VAL B 84 2.24 -2.23 -5.20
CA VAL B 84 1.66 -0.91 -4.92
C VAL B 84 0.56 -0.48 -5.90
N ASN B 85 0.49 -1.13 -7.06
CA ASN B 85 -0.48 -0.75 -8.07
C ASN B 85 -1.67 -1.69 -8.13
N ILE B 86 -1.76 -2.56 -7.13
CA ILE B 86 -2.89 -3.47 -7.00
C ILE B 86 -3.52 -3.21 -5.64
N LEU B 87 -4.83 -2.97 -5.64
CA LEU B 87 -5.55 -2.74 -4.40
C LEU B 87 -5.13 -3.74 -3.33
N LEU B 88 -4.72 -3.24 -2.17
CA LEU B 88 -4.21 -4.12 -1.12
C LEU B 88 -5.32 -4.95 -0.51
N PHE B 89 -5.22 -6.25 -0.70
CA PHE B 89 -6.03 -7.22 0.00
C PHE B 89 -5.48 -7.34 1.44
N MET B 90 -6.38 -7.41 2.41
CA MET B 90 -5.99 -7.44 3.84
C MET B 90 -6.39 -8.73 4.57
N GLY B 91 -7.53 -9.29 4.19
CA GLY B 91 -7.99 -10.51 4.81
C GLY B 91 -9.41 -10.88 4.46
N TYR B 92 -9.83 -12.02 4.94
CA TYR B 92 -11.18 -12.47 4.71
C TYR B 92 -11.80 -13.00 6.00
N SER B 93 -13.12 -13.09 6.01
CA SER B 93 -13.88 -13.66 7.10
C SER B 93 -14.96 -14.58 6.53
N THR B 94 -15.36 -15.58 7.29
CA THR B 94 -16.49 -16.43 6.88
C THR B 94 -17.62 -16.37 7.89
N LYS B 95 -17.32 -15.82 9.07
CA LYS B 95 -18.27 -15.74 10.18
C LYS B 95 -18.45 -14.29 10.62
N PRO B 96 -19.70 -13.79 10.60
CA PRO B 96 -20.95 -14.53 10.38
C PRO B 96 -21.33 -14.73 8.91
N GLN B 97 -20.67 -14.02 8.01
CA GLN B 97 -20.89 -14.19 6.57
C GLN B 97 -19.59 -14.10 5.78
N LEU B 98 -19.63 -14.48 4.50
CA LEU B 98 -18.44 -14.43 3.65
C LEU B 98 -18.02 -12.99 3.36
N ALA B 99 -16.76 -12.65 3.63
CA ALA B 99 -16.30 -11.26 3.47
C ALA B 99 -14.85 -11.12 2.98
N ILE B 100 -14.63 -10.11 2.15
CA ILE B 100 -13.28 -9.82 1.68
C ILE B 100 -12.94 -8.39 2.05
N VAL B 101 -11.82 -8.21 2.75
CA VAL B 101 -11.44 -6.90 3.25
C VAL B 101 -10.22 -6.38 2.50
N THR B 102 -10.32 -5.15 2.00
CA THR B 102 -9.18 -4.50 1.37
C THR B 102 -8.95 -3.13 2.00
N GLN B 103 -7.79 -2.54 1.75
CA GLN B 103 -7.56 -1.16 2.13
C GLN B 103 -8.72 -0.29 1.64
N TRP B 104 -8.98 0.80 2.34
CA TRP B 104 -9.91 1.80 1.86
C TRP B 104 -9.13 2.86 1.11
N CYS B 105 -9.53 3.11 -0.13
CA CYS B 105 -8.88 4.16 -0.90
C CYS B 105 -9.75 5.39 -1.06
N GLU B 106 -9.15 6.54 -0.77
CA GLU B 106 -9.78 7.82 -1.04
C GLU B 106 -9.47 8.23 -2.47
N GLY B 107 -10.40 8.92 -3.10
CA GLY B 107 -10.24 9.37 -4.48
C GLY B 107 -11.34 8.81 -5.36
N SER B 108 -11.06 8.66 -6.65
CA SER B 108 -12.03 8.07 -7.58
C SER B 108 -11.37 7.40 -8.77
N SER B 109 -12.16 6.64 -9.52
CA SER B 109 -11.67 5.87 -10.65
C SER B 109 -11.27 6.75 -11.83
N LEU B 110 -10.45 6.20 -12.70
CA LEU B 110 -10.10 6.85 -13.96
C LEU B 110 -11.33 7.19 -14.79
N TYR B 111 -12.28 6.25 -14.87
CA TYR B 111 -13.51 6.49 -15.59
C TYR B 111 -14.21 7.75 -15.07
N HIS B 112 -14.31 7.86 -13.75
CA HIS B 112 -14.97 9.00 -13.12
C HIS B 112 -14.32 10.31 -13.52
N HIS B 113 -12.99 10.36 -13.46
CA HIS B 113 -12.20 11.55 -13.78
C HIS B 113 -12.35 12.00 -15.25
N LEU B 114 -12.35 11.05 -16.17
CA LEU B 114 -12.31 11.38 -17.61
C LEU B 114 -13.67 11.66 -18.24
N HIS B 115 -14.67 10.88 -17.85
CA HIS B 115 -15.95 10.83 -18.53
C HIS B 115 -17.10 11.39 -17.71
N ILE B 116 -16.83 11.70 -16.46
CA ILE B 116 -17.88 12.19 -15.59
C ILE B 116 -17.60 13.59 -15.04
N ILE B 117 -16.43 13.79 -14.45
CA ILE B 117 -16.07 15.11 -13.92
C ILE B 117 -15.03 15.77 -14.80
N GLU B 118 -14.67 15.07 -15.88
CA GLU B 118 -13.82 15.60 -16.95
C GLU B 118 -12.59 16.35 -16.46
N THR B 119 -11.80 15.68 -15.62
CA THR B 119 -10.52 16.20 -15.15
C THR B 119 -9.53 16.29 -16.31
N LYS B 120 -8.95 17.48 -16.47
CA LYS B 120 -7.92 17.75 -17.47
C LYS B 120 -6.58 17.59 -16.81
N PHE B 121 -5.97 16.42 -17.01
CA PHE B 121 -4.62 16.16 -16.54
C PHE B 121 -3.64 16.72 -17.55
N GLU B 122 -2.47 17.15 -17.06
CA GLU B 122 -1.33 17.41 -17.92
C GLU B 122 -0.85 16.11 -18.55
N MET B 123 -0.20 16.21 -19.71
CA MET B 123 0.29 15.06 -20.45
C MET B 123 1.21 14.15 -19.62
N ILE B 124 2.13 14.76 -18.87
CA ILE B 124 3.09 14.04 -18.04
C ILE B 124 2.39 13.12 -17.04
N LYS B 125 1.26 13.58 -16.49
CA LYS B 125 0.45 12.77 -15.60
C LYS B 125 -0.36 11.69 -16.36
N LEU B 126 -0.82 11.99 -17.56
CA LEU B 126 -1.51 11.01 -18.39
C LEU B 126 -0.62 9.80 -18.69
N ILE B 127 0.65 10.07 -18.97
CA ILE B 127 1.66 9.04 -19.18
C ILE B 127 1.97 8.29 -17.87
N ASP B 128 1.96 9.00 -16.75
CA ASP B 128 2.20 8.37 -15.46
C ASP B 128 1.12 7.36 -15.11
N ILE B 129 -0.14 7.73 -15.38
CA ILE B 129 -1.28 6.83 -15.19
C ILE B 129 -1.12 5.61 -16.07
N ALA B 130 -0.89 5.82 -17.36
CA ALA B 130 -0.60 4.74 -18.28
C ALA B 130 0.49 3.77 -17.75
N ARG B 131 1.62 4.32 -17.30
CA ARG B 131 2.72 3.51 -16.79
C ARG B 131 2.34 2.66 -15.58
N GLN B 132 1.73 3.30 -14.58
CA GLN B 132 1.36 2.62 -13.34
C GLN B 132 0.33 1.53 -13.63
N THR B 133 -0.52 1.76 -14.61
CA THR B 133 -1.45 0.72 -15.05
C THR B 133 -0.66 -0.46 -15.63
N ALA B 134 0.26 -0.17 -16.53
CA ALA B 134 1.11 -1.20 -17.14
C ALA B 134 1.97 -1.93 -16.11
N GLN B 135 2.39 -1.21 -15.06
CA GLN B 135 3.07 -1.83 -13.91
C GLN B 135 2.20 -2.91 -13.26
N GLY B 136 0.96 -2.55 -12.94
CA GLY B 136 0.04 -3.46 -12.27
C GLY B 136 -0.30 -4.65 -13.14
N MET B 137 -0.48 -4.39 -14.42
CA MET B 137 -0.82 -5.43 -15.39
C MET B 137 0.33 -6.41 -15.57
N ASP B 138 1.55 -5.91 -15.72
CA ASP B 138 2.73 -6.76 -15.83
C ASP B 138 2.87 -7.63 -14.59
N TYR B 139 2.63 -7.02 -13.44
CA TYR B 139 2.69 -7.71 -12.18
C TYR B 139 1.69 -8.86 -12.17
N LEU B 140 0.46 -8.57 -12.56
CA LEU B 140 -0.60 -9.57 -12.60
C LEU B 140 -0.32 -10.71 -13.57
N HIS B 141 0.30 -10.39 -14.69
CA HIS B 141 0.59 -11.41 -15.69
C HIS B 141 1.75 -12.28 -15.28
N ALA B 142 2.72 -11.68 -14.60
CA ALA B 142 3.82 -12.44 -14.07
C ALA B 142 3.33 -13.58 -13.18
N LYS B 143 2.26 -13.35 -12.42
CA LYS B 143 1.66 -14.39 -11.55
C LYS B 143 0.58 -15.20 -12.28
N SER B 144 0.49 -15.05 -13.60
CA SER B 144 -0.48 -15.81 -14.41
C SER B 144 -1.93 -15.47 -14.07
N ILE B 145 -2.17 -14.23 -13.69
CA ILE B 145 -3.52 -13.75 -13.50
C ILE B 145 -3.87 -12.96 -14.73
N ILE B 146 -5.02 -13.29 -15.33
CA ILE B 146 -5.58 -12.53 -16.42
C ILE B 146 -6.76 -11.75 -15.86
N HIS B 147 -6.70 -10.42 -15.97
CA HIS B 147 -7.75 -9.59 -15.40
C HIS B 147 -9.12 -9.94 -15.94
N ARG B 148 -9.25 -10.00 -17.28
CA ARG B 148 -10.50 -10.31 -17.96
C ARG B 148 -11.50 -9.14 -18.01
N ASP B 149 -11.28 -8.10 -17.23
CA ASP B 149 -12.21 -6.96 -17.22
C ASP B 149 -11.50 -5.63 -16.94
N LEU B 150 -10.34 -5.43 -17.55
CA LEU B 150 -9.66 -4.16 -17.43
C LEU B 150 -10.44 -3.11 -18.18
N LYS B 151 -10.58 -1.95 -17.54
CA LYS B 151 -11.33 -0.81 -18.05
C LYS B 151 -11.03 0.34 -17.10
N SER B 152 -11.41 1.56 -17.49
CA SER B 152 -11.05 2.74 -16.70
C SER B 152 -11.80 2.77 -15.38
N ASN B 153 -12.92 2.06 -15.30
CA ASN B 153 -13.66 1.99 -14.06
C ASN B 153 -13.00 1.05 -13.03
N ASN B 154 -12.00 0.29 -13.47
CA ASN B 154 -11.26 -0.60 -12.57
C ASN B 154 -9.85 -0.12 -12.27
N ILE B 155 -9.54 1.07 -12.76
CA ILE B 155 -8.30 1.73 -12.47
C ILE B 155 -8.65 2.89 -11.54
N PHE B 156 -8.34 2.71 -10.26
CA PHE B 156 -8.68 3.71 -9.24
C PHE B 156 -7.52 4.67 -9.02
N LEU B 157 -7.84 5.94 -8.81
CA LEU B 157 -6.80 6.93 -8.58
C LEU B 157 -6.74 7.36 -7.11
N HIS B 158 -5.93 6.63 -6.35
CA HIS B 158 -5.79 6.78 -4.90
C HIS B 158 -5.20 8.14 -4.62
N GLU B 159 -5.96 8.98 -3.92
CA GLU B 159 -5.61 10.38 -3.61
C GLU B 159 -5.29 11.11 -4.91
N ASP B 160 -5.98 10.69 -5.96
CA ASP B 160 -5.79 11.14 -7.35
C ASP B 160 -4.31 11.17 -7.78
N LEU B 161 -3.56 10.15 -7.35
CA LEU B 161 -2.12 10.06 -7.58
C LEU B 161 -1.68 8.65 -8.01
N THR B 162 -1.68 7.72 -7.06
CA THR B 162 -1.30 6.35 -7.31
C THR B 162 -2.44 5.57 -7.95
N VAL B 163 -2.11 4.74 -8.94
CA VAL B 163 -3.07 3.83 -9.53
C VAL B 163 -3.17 2.55 -8.71
N LYS B 164 -4.41 2.13 -8.42
CA LYS B 164 -4.68 0.78 -7.91
C LYS B 164 -5.60 0.07 -8.89
N ILE B 165 -5.21 -1.12 -9.32
CA ILE B 165 -6.04 -1.91 -10.21
C ILE B 165 -6.80 -2.91 -9.37
N GLY B 166 -8.08 -3.07 -9.66
CA GLY B 166 -8.84 -4.13 -9.04
C GLY B 166 -9.98 -4.48 -9.95
N ASP B 167 -10.93 -5.23 -9.42
CA ASP B 167 -12.22 -5.44 -10.07
C ASP B 167 -13.30 -4.86 -9.18
N PHE B 168 -13.64 -3.61 -9.41
CA PHE B 168 -14.56 -2.90 -8.55
C PHE B 168 -16.02 -3.21 -8.88
N GLY B 169 -16.23 -3.97 -9.96
CA GLY B 169 -17.56 -4.35 -10.40
C GLY B 169 -18.23 -5.24 -9.40
N LEU B 170 -19.55 -5.09 -9.25
CA LEU B 170 -20.34 -5.89 -8.33
C LEU B 170 -21.37 -6.76 -9.03
N ALA B 171 -21.27 -6.84 -10.36
CA ALA B 171 -22.25 -7.54 -11.17
C ALA B 171 -21.75 -8.85 -11.81
N THR B 172 -20.73 -9.47 -11.22
CA THR B 172 -20.25 -10.81 -11.63
C THR B 172 -19.70 -11.57 -10.43
N GLY B 188 -21.42 -7.14 -19.28
CA GLY B 188 -20.76 -5.99 -18.72
C GLY B 188 -20.45 -4.92 -19.75
N SER B 189 -19.20 -4.45 -19.77
CA SER B 189 -18.80 -3.34 -20.64
C SER B 189 -18.01 -3.80 -21.86
N ILE B 190 -18.66 -3.66 -23.01
CA ILE B 190 -18.18 -4.25 -24.25
C ILE B 190 -17.13 -3.39 -24.95
N LEU B 191 -16.96 -2.16 -24.49
CA LEU B 191 -16.04 -1.22 -25.15
C LEU B 191 -14.56 -1.58 -25.03
N TRP B 192 -14.21 -2.35 -24.01
CA TRP B 192 -12.82 -2.71 -23.73
C TRP B 192 -12.53 -4.14 -24.19
N MET B 193 -13.48 -4.75 -24.91
CA MET B 193 -13.39 -6.16 -25.31
C MET B 193 -12.74 -6.39 -26.66
N ALA B 194 -11.68 -7.18 -26.67
CA ALA B 194 -11.02 -7.63 -27.89
C ALA B 194 -12.00 -8.36 -28.83
N PRO B 195 -11.87 -8.16 -30.15
CA PRO B 195 -12.70 -8.86 -31.15
C PRO B 195 -12.91 -10.36 -30.92
N GLU B 196 -11.86 -11.10 -30.55
CA GLU B 196 -12.00 -12.55 -30.29
C GLU B 196 -12.78 -12.84 -29.00
N VAL B 197 -12.80 -11.88 -28.08
CA VAL B 197 -13.57 -12.03 -26.86
C VAL B 197 -15.04 -11.73 -27.17
N ILE B 198 -15.28 -10.75 -28.04
CA ILE B 198 -16.64 -10.42 -28.48
C ILE B 198 -17.31 -11.52 -29.33
N ARG B 199 -16.52 -12.33 -30.03
CA ARG B 199 -17.11 -13.27 -30.98
C ARG B 199 -18.13 -14.30 -30.38
N MET B 200 -17.72 -15.37 -29.69
CA MET B 200 -16.38 -15.77 -29.33
C MET B 200 -16.18 -17.26 -29.63
N GLN B 201 -14.96 -17.76 -29.44
CA GLN B 201 -14.68 -19.19 -29.55
C GLN B 201 -13.64 -19.63 -28.51
N ASN B 204 -12.66 -20.77 -24.25
CA ASN B 204 -11.90 -19.74 -23.53
C ASN B 204 -11.10 -18.80 -24.47
N PRO B 205 -11.66 -17.61 -24.73
CA PRO B 205 -11.02 -16.59 -25.59
C PRO B 205 -10.17 -15.54 -24.83
N TYR B 206 -10.12 -15.62 -23.51
CA TYR B 206 -9.31 -14.69 -22.73
C TYR B 206 -7.85 -15.12 -22.72
N SER B 207 -6.96 -14.15 -22.90
CA SER B 207 -5.53 -14.38 -22.83
C SER B 207 -4.86 -13.11 -22.31
N PHE B 208 -3.54 -13.14 -22.16
CA PHE B 208 -2.81 -11.92 -21.82
C PHE B 208 -3.10 -10.83 -22.83
N GLN B 209 -3.26 -11.25 -24.09
CA GLN B 209 -3.44 -10.32 -25.19
C GLN B 209 -4.80 -9.60 -25.19
N SER B 210 -5.85 -10.26 -24.68
CA SER B 210 -7.14 -9.59 -24.54
C SER B 210 -7.12 -8.50 -23.45
N ASP B 211 -6.37 -8.74 -22.37
CA ASP B 211 -6.03 -7.69 -21.38
C ASP B 211 -5.29 -6.50 -22.04
N VAL B 212 -4.34 -6.81 -22.92
CA VAL B 212 -3.60 -5.77 -23.66
C VAL B 212 -4.52 -4.88 -24.51
N TYR B 213 -5.44 -5.51 -25.23
CA TYR B 213 -6.40 -4.75 -26.01
C TYR B 213 -7.18 -3.77 -25.12
N ALA B 214 -7.74 -4.26 -24.02
CA ALA B 214 -8.42 -3.41 -23.05
C ALA B 214 -7.53 -2.25 -22.62
N PHE B 215 -6.26 -2.53 -22.39
CA PHE B 215 -5.29 -1.50 -22.07
C PHE B 215 -5.19 -0.46 -23.18
N GLY B 216 -5.13 -0.93 -24.42
CA GLY B 216 -5.17 -0.05 -25.60
C GLY B 216 -6.35 0.90 -25.57
N ILE B 217 -7.53 0.38 -25.24
CA ILE B 217 -8.71 1.22 -25.09
C ILE B 217 -8.51 2.24 -23.98
N VAL B 218 -7.91 1.83 -22.86
CA VAL B 218 -7.59 2.77 -21.79
C VAL B 218 -6.66 3.88 -22.29
N LEU B 219 -5.67 3.53 -23.12
CA LEU B 219 -4.77 4.53 -23.66
C LEU B 219 -5.54 5.54 -24.51
N TYR B 220 -6.49 5.03 -25.29
CA TYR B 220 -7.35 5.87 -26.10
C TYR B 220 -8.09 6.89 -25.23
N GLU B 221 -8.76 6.40 -24.19
CA GLU B 221 -9.41 7.27 -23.20
C GLU B 221 -8.47 8.35 -22.71
N LEU B 222 -7.30 7.97 -22.22
CA LEU B 222 -6.35 8.93 -21.69
C LEU B 222 -5.98 9.97 -22.73
N MET B 223 -5.71 9.52 -23.95
CA MET B 223 -5.22 10.39 -25.03
C MET B 223 -6.29 11.22 -25.73
N THR B 224 -7.55 10.80 -25.68
CA THR B 224 -8.62 11.54 -26.34
C THR B 224 -9.60 12.16 -25.36
N GLY B 225 -9.59 11.63 -24.15
CA GLY B 225 -10.44 12.16 -23.10
C GLY B 225 -11.87 11.66 -23.18
N GLN B 226 -12.15 10.77 -24.12
CA GLN B 226 -13.51 10.25 -24.28
C GLN B 226 -13.56 8.79 -24.67
N LEU B 227 -14.74 8.20 -24.59
CA LEU B 227 -14.95 6.79 -24.87
C LEU B 227 -14.90 6.51 -26.38
N PRO B 228 -14.56 5.28 -26.76
CA PRO B 228 -14.65 4.97 -28.18
C PRO B 228 -16.09 4.78 -28.65
N TYR B 229 -16.32 5.11 -29.93
CA TYR B 229 -17.61 4.93 -30.62
C TYR B 229 -18.70 5.79 -30.01
N SER B 230 -18.33 7.00 -29.58
CA SER B 230 -19.27 7.86 -28.87
C SER B 230 -20.34 8.44 -29.79
N ASN B 231 -20.14 8.28 -31.11
CA ASN B 231 -21.11 8.72 -32.13
C ASN B 231 -22.04 7.60 -32.59
N ILE B 232 -21.90 6.43 -31.99
CA ILE B 232 -22.83 5.31 -32.23
C ILE B 232 -23.63 5.07 -30.95
N ASN B 233 -24.95 4.94 -31.09
CA ASN B 233 -25.82 4.79 -29.93
C ASN B 233 -26.45 3.41 -29.76
N ASN B 234 -26.08 2.47 -30.63
CA ASN B 234 -26.65 1.12 -30.63
C ASN B 234 -25.63 0.09 -30.14
N ARG B 235 -25.91 -0.52 -29.00
CA ARG B 235 -24.94 -1.35 -28.32
C ARG B 235 -24.64 -2.61 -29.10
N ASP B 236 -25.69 -3.23 -29.63
CA ASP B 236 -25.59 -4.49 -30.35
C ASP B 236 -24.87 -4.33 -31.67
N GLN B 237 -24.90 -3.12 -32.21
CA GLN B 237 -24.27 -2.87 -33.48
C GLN B 237 -22.76 -2.68 -33.28
N ILE B 238 -22.36 -2.08 -32.14
CA ILE B 238 -20.96 -2.04 -31.74
C ILE B 238 -20.43 -3.46 -31.54
N ILE B 239 -21.11 -4.24 -30.70
CA ILE B 239 -20.80 -5.64 -30.48
C ILE B 239 -20.52 -6.34 -31.81
N PHE B 240 -21.50 -6.29 -32.71
CA PHE B 240 -21.38 -6.94 -34.01
C PHE B 240 -20.16 -6.46 -34.80
N MET B 241 -20.02 -5.14 -34.94
CA MET B 241 -19.01 -4.54 -35.82
C MET B 241 -17.56 -4.61 -35.37
N VAL B 242 -17.33 -4.52 -34.07
CA VAL B 242 -15.98 -4.65 -33.52
C VAL B 242 -15.56 -6.09 -33.74
N GLY B 243 -16.47 -7.01 -33.40
CA GLY B 243 -16.27 -8.44 -33.59
C GLY B 243 -15.89 -8.89 -35.00
N ARG B 244 -16.36 -8.15 -36.01
CA ARG B 244 -16.05 -8.48 -37.40
C ARG B 244 -14.95 -7.62 -38.01
N GLY B 245 -14.50 -6.61 -37.26
CA GLY B 245 -13.40 -5.77 -37.69
C GLY B 245 -13.87 -4.58 -38.52
N TYR B 246 -15.18 -4.50 -38.73
CA TYR B 246 -15.78 -3.40 -39.47
C TYR B 246 -15.53 -2.06 -38.77
N LEU B 247 -15.35 -2.11 -37.45
CA LEU B 247 -15.24 -0.92 -36.61
C LEU B 247 -14.05 -1.00 -35.68
N SER B 248 -13.34 0.12 -35.58
CA SER B 248 -12.10 0.26 -34.84
C SER B 248 -12.14 1.63 -34.17
N PRO B 249 -11.41 1.82 -33.06
CA PRO B 249 -11.42 3.17 -32.47
C PRO B 249 -10.78 4.17 -33.43
N ASP B 250 -11.28 5.40 -33.43
CA ASP B 250 -10.84 6.46 -34.35
C ASP B 250 -9.59 7.14 -33.81
N LEU B 251 -8.45 6.78 -34.36
CA LEU B 251 -7.17 7.20 -33.80
C LEU B 251 -6.78 8.64 -34.09
N SER B 252 -7.46 9.28 -35.04
CA SER B 252 -7.13 10.66 -35.38
C SER B 252 -7.63 11.63 -34.31
N LYS B 253 -8.38 11.11 -33.34
CA LYS B 253 -8.96 11.93 -32.28
C LYS B 253 -7.98 12.22 -31.15
N VAL B 254 -6.75 11.72 -31.25
CA VAL B 254 -5.79 11.90 -30.17
C VAL B 254 -5.21 13.31 -30.18
N ARG B 255 -5.24 13.97 -29.02
CA ARG B 255 -4.65 15.31 -28.89
C ARG B 255 -3.26 15.33 -29.54
N SER B 256 -3.01 16.32 -30.39
CA SER B 256 -1.76 16.41 -31.13
C SER B 256 -0.52 16.63 -30.25
N ASN B 257 -0.70 17.16 -29.04
CA ASN B 257 0.41 17.29 -28.09
C ASN B 257 0.83 15.97 -27.45
N CYS B 258 0.20 14.87 -27.89
CA CYS B 258 0.52 13.51 -27.44
C CYS B 258 1.65 12.93 -28.30
N PRO B 259 2.66 12.30 -27.66
CA PRO B 259 3.86 11.90 -28.39
C PRO B 259 3.60 10.83 -29.45
N LYS B 260 4.39 10.86 -30.52
CA LYS B 260 4.24 9.90 -31.62
C LYS B 260 4.35 8.44 -31.18
N ALA B 261 5.27 8.17 -30.26
CA ALA B 261 5.45 6.83 -29.71
C ALA B 261 4.19 6.32 -29.02
N MET B 262 3.56 7.20 -28.23
CA MET B 262 2.34 6.85 -27.49
C MET B 262 1.20 6.39 -28.41
N LYS B 263 1.01 7.13 -29.49
CA LYS B 263 0.01 6.82 -30.51
C LYS B 263 0.32 5.50 -31.22
N ARG B 264 1.59 5.27 -31.51
CA ARG B 264 2.04 4.05 -32.17
C ARG B 264 1.82 2.84 -31.26
N LEU B 265 2.23 2.98 -29.99
CA LEU B 265 1.99 1.96 -28.98
C LEU B 265 0.51 1.59 -28.86
N MET B 266 -0.34 2.61 -28.81
CA MET B 266 -1.78 2.41 -28.79
C MET B 266 -2.30 1.60 -29.98
N ALA B 267 -1.88 1.96 -31.20
CA ALA B 267 -2.29 1.26 -32.40
C ALA B 267 -1.87 -0.21 -32.35
N GLU B 268 -0.69 -0.44 -31.77
CA GLU B 268 -0.13 -1.77 -31.61
C GLU B 268 -0.92 -2.62 -30.60
N CYS B 269 -1.35 -1.99 -29.51
CA CYS B 269 -2.22 -2.65 -28.53
C CYS B 269 -3.60 -2.96 -29.08
N LEU B 270 -4.04 -2.19 -30.07
CA LEU B 270 -5.41 -2.31 -30.58
C LEU B 270 -5.51 -3.17 -31.85
N LYS B 271 -4.42 -3.86 -32.20
CA LYS B 271 -4.40 -4.77 -33.34
C LYS B 271 -5.51 -5.82 -33.24
N LYS B 272 -6.29 -5.95 -34.32
CA LYS B 272 -7.42 -6.86 -34.40
C LYS B 272 -7.01 -8.33 -34.23
N LYS B 273 -5.86 -8.69 -34.80
CA LYS B 273 -5.28 -10.02 -34.60
C LYS B 273 -4.58 -10.13 -33.25
N ARG B 274 -5.09 -11.05 -32.43
CA ARG B 274 -4.55 -11.32 -31.10
C ARG B 274 -3.01 -11.36 -31.06
N ASP B 275 -2.43 -12.17 -31.94
CA ASP B 275 -0.99 -12.47 -31.88
C ASP B 275 -0.06 -11.35 -32.31
N GLU B 276 -0.64 -10.30 -32.90
CA GLU B 276 0.13 -9.13 -33.30
C GLU B 276 0.35 -8.14 -32.15
N ARG B 277 -0.31 -8.39 -31.01
CA ARG B 277 -0.32 -7.44 -29.90
C ARG B 277 0.89 -7.63 -28.98
N PRO B 278 1.54 -6.53 -28.56
CA PRO B 278 2.65 -6.65 -27.62
C PRO B 278 2.20 -7.17 -26.26
N LEU B 279 3.15 -7.61 -25.44
CA LEU B 279 2.87 -8.03 -24.08
C LEU B 279 3.32 -6.92 -23.12
N PHE B 280 2.92 -6.97 -21.85
CA PHE B 280 3.18 -5.83 -20.96
C PHE B 280 4.67 -5.52 -20.71
N PRO B 281 5.54 -6.56 -20.61
CA PRO B 281 6.99 -6.26 -20.54
C PRO B 281 7.46 -5.29 -21.63
N GLN B 282 7.07 -5.50 -22.89
CA GLN B 282 7.39 -4.57 -23.97
C GLN B 282 6.62 -3.24 -23.85
N ILE B 283 5.33 -3.31 -23.53
CA ILE B 283 4.49 -2.12 -23.39
C ILE B 283 5.10 -1.19 -22.36
N LEU B 284 5.52 -1.77 -21.25
CA LEU B 284 6.13 -1.02 -20.17
C LEU B 284 7.48 -0.43 -20.59
N ALA B 285 8.28 -1.20 -21.32
CA ALA B 285 9.55 -0.69 -21.85
C ALA B 285 9.31 0.53 -22.75
N SER B 286 8.43 0.39 -23.74
CA SER B 286 7.98 1.49 -24.60
C SER B 286 7.61 2.77 -23.85
N ILE B 287 6.77 2.63 -22.82
CA ILE B 287 6.26 3.78 -22.08
C ILE B 287 7.37 4.49 -21.31
N GLU B 288 8.25 3.71 -20.69
CA GLU B 288 9.35 4.29 -19.92
C GLU B 288 10.37 4.96 -20.82
N LEU B 289 10.43 4.52 -22.07
CA LEU B 289 11.30 5.15 -23.05
C LEU B 289 10.84 6.57 -23.36
N LEU B 290 9.57 6.73 -23.74
CA LEU B 290 9.03 8.03 -24.10
C LEU B 290 8.86 8.97 -22.88
N ALA B 291 8.81 8.39 -21.68
CA ALA B 291 8.77 9.18 -20.45
C ALA B 291 10.17 9.66 -20.08
N ARG B 292 10.94 10.05 -21.09
CA ARG B 292 12.24 10.66 -20.90
C ARG B 292 12.37 11.92 -21.77
N SER B 293 11.27 12.28 -22.43
CA SER B 293 11.25 13.46 -23.31
C SER B 293 10.15 14.45 -22.92
#